data_2DYK
#
_entry.id   2DYK
#
_cell.length_a   35.421
_cell.length_b   50.539
_cell.length_c   50.453
_cell.angle_alpha   119.88
_cell.angle_beta   90.02
_cell.angle_gamma   88.91
#
_symmetry.space_group_name_H-M   'P 1'
#
loop_
_entity.id
_entity.type
_entity.pdbx_description
1 polymer 'GTP-binding protein'
2 non-polymer "GUANOSINE-5'-DIPHOSPHATE"
3 water water
#
_entity_poly.entity_id   1
_entity_poly.type   'polypeptide(L)'
_entity_poly.pdbx_seq_one_letter_code
;MHKVVIVGRPNVGKSSLFNRLLKKRSAVVADVPGVTRDLKEGVVETDRGRFLLVDTGGLWSGDKWEKKIQEKVDRALEDA
EVVLFAVDGRAELTQADYEVAEYLRRKGKPVILVATKVDDPKHELYLGPLYGLGFGDPIPTSSEHARGLEELLEAIWERL
P
;
_entity_poly.pdbx_strand_id   A,B
#
# COMPACT_ATOMS: atom_id res chain seq x y z
N MET A 1 -28.83 -12.87 -3.78
CA MET A 1 -28.39 -12.09 -4.97
C MET A 1 -26.94 -12.43 -5.30
N HIS A 2 -26.46 -11.92 -6.42
CA HIS A 2 -25.09 -12.17 -6.84
C HIS A 2 -24.13 -11.51 -5.87
N LYS A 3 -22.94 -12.07 -5.73
CA LYS A 3 -21.95 -11.52 -4.82
C LYS A 3 -20.65 -11.25 -5.57
N VAL A 4 -20.16 -10.01 -5.45
CA VAL A 4 -18.93 -9.56 -6.09
C VAL A 4 -18.01 -9.11 -4.98
N VAL A 5 -16.76 -9.56 -5.02
CA VAL A 5 -15.82 -9.25 -3.97
C VAL A 5 -14.55 -8.59 -4.47
N ILE A 6 -14.16 -7.48 -3.82
CA ILE A 6 -12.96 -6.77 -4.16
C ILE A 6 -11.84 -7.32 -3.28
N VAL A 7 -10.72 -7.64 -3.93
CA VAL A 7 -9.54 -8.21 -3.29
C VAL A 7 -8.31 -7.46 -3.80
N GLY A 8 -7.38 -7.19 -2.88
CA GLY A 8 -6.17 -6.48 -3.25
C GLY A 8 -5.46 -6.00 -1.99
N ARG A 9 -4.20 -5.63 -2.15
CA ARG A 9 -3.43 -5.16 -1.02
C ARG A 9 -3.89 -3.79 -0.53
N PRO A 10 -3.43 -3.38 0.67
CA PRO A 10 -3.80 -2.08 1.22
C PRO A 10 -3.39 -0.89 0.38
N ASN A 11 -4.20 0.15 0.44
CA ASN A 11 -3.98 1.41 -0.23
C ASN A 11 -4.02 1.46 -1.77
N VAL A 12 -4.59 0.44 -2.40
CA VAL A 12 -4.66 0.47 -3.87
C VAL A 12 -5.96 1.16 -4.31
N GLY A 13 -6.82 1.52 -3.36
CA GLY A 13 -8.04 2.22 -3.70
C GLY A 13 -9.32 1.42 -3.68
N LYS A 14 -9.34 0.33 -2.95
CA LYS A 14 -10.52 -0.54 -2.87
C LYS A 14 -11.74 0.12 -2.20
N SER A 15 -11.55 0.81 -1.09
CA SER A 15 -12.69 1.41 -0.41
C SER A 15 -13.25 2.57 -1.23
N SER A 16 -12.37 3.29 -1.91
CA SER A 16 -12.82 4.41 -2.75
C SER A 16 -13.64 3.85 -3.91
N LEU A 17 -13.15 2.77 -4.52
CA LEU A 17 -13.85 2.13 -5.63
C LEU A 17 -15.21 1.58 -5.13
N PHE A 18 -15.20 0.93 -3.97
CA PHE A 18 -16.41 0.39 -3.35
C PHE A 18 -17.47 1.52 -3.20
N ASN A 19 -17.04 2.66 -2.67
CA ASN A 19 -17.96 3.78 -2.47
C ASN A 19 -18.53 4.33 -3.77
N ARG A 20 -17.73 4.36 -4.83
CA ARG A 20 -18.21 4.84 -6.13
C ARG A 20 -19.24 3.88 -6.71
N LEU A 21 -18.96 2.58 -6.59
CA LEU A 21 -19.84 1.58 -7.15
C LEU A 21 -21.18 1.55 -6.41
N LEU A 22 -21.12 1.74 -5.11
CA LEU A 22 -22.32 1.76 -4.29
C LEU A 22 -23.21 2.95 -4.66
N LYS A 23 -22.58 4.09 -4.96
CA LYS A 23 -23.35 5.28 -5.32
C LYS A 23 -23.78 5.32 -6.78
N LYS A 24 -23.36 4.32 -7.55
CA LYS A 24 -23.71 4.25 -8.96
C LYS A 24 -25.21 4.10 -9.20
N ARG A 25 -25.66 4.72 -10.28
CA ARG A 25 -27.05 4.66 -10.72
C ARG A 25 -26.93 4.23 -12.18
N SER A 26 -28.01 4.37 -12.94
CA SER A 26 -27.98 4.03 -14.36
C SER A 26 -28.97 4.86 -15.16
N ASP A 38 -14.69 -6.74 9.69
CA ASP A 38 -13.67 -6.14 8.85
C ASP A 38 -14.17 -5.84 7.42
N LEU A 39 -15.21 -6.55 6.99
CA LEU A 39 -15.76 -6.38 5.64
C LEU A 39 -16.67 -5.16 5.47
N LYS A 40 -16.73 -4.66 4.23
CA LYS A 40 -17.62 -3.55 3.88
C LYS A 40 -18.56 -4.23 2.90
N GLU A 41 -19.87 -4.09 3.14
CA GLU A 41 -20.84 -4.74 2.29
C GLU A 41 -21.86 -3.72 1.81
N GLY A 42 -22.20 -3.79 0.52
CA GLY A 42 -23.14 -2.83 -0.03
C GLY A 42 -23.84 -3.38 -1.24
N VAL A 43 -25.09 -2.97 -1.44
CA VAL A 43 -25.87 -3.44 -2.58
C VAL A 43 -25.73 -2.46 -3.74
N VAL A 44 -25.17 -2.91 -4.86
CA VAL A 44 -25.03 -2.04 -6.03
C VAL A 44 -26.28 -2.27 -6.87
N GLU A 45 -26.93 -1.20 -7.30
CA GLU A 45 -28.13 -1.34 -8.11
C GLU A 45 -28.17 -0.33 -9.26
N THR A 46 -28.34 -0.85 -10.47
CA THR A 46 -28.38 -0.01 -11.67
C THR A 46 -29.39 -0.67 -12.60
N ASP A 47 -29.55 -0.16 -13.82
CA ASP A 47 -30.50 -0.78 -14.73
C ASP A 47 -30.15 -2.21 -15.10
N ARG A 48 -28.90 -2.61 -14.87
CA ARG A 48 -28.50 -3.99 -15.18
C ARG A 48 -29.00 -4.99 -14.11
N GLY A 49 -29.34 -4.49 -12.93
CA GLY A 49 -29.81 -5.38 -11.88
C GLY A 49 -29.05 -5.04 -10.61
N ARG A 50 -29.10 -5.93 -9.61
CA ARG A 50 -28.37 -5.62 -8.40
C ARG A 50 -27.51 -6.76 -7.94
N PHE A 51 -26.48 -6.44 -7.16
CA PHE A 51 -25.60 -7.45 -6.63
C PHE A 51 -24.99 -6.93 -5.33
N LEU A 52 -24.48 -7.85 -4.51
CA LEU A 52 -23.87 -7.47 -3.24
C LEU A 52 -22.38 -7.30 -3.47
N LEU A 53 -21.88 -6.10 -3.17
CA LEU A 53 -20.46 -5.78 -3.34
C LEU A 53 -19.77 -5.89 -1.98
N VAL A 54 -18.62 -6.56 -1.94
CA VAL A 54 -17.89 -6.76 -0.69
C VAL A 54 -16.44 -6.31 -0.83
N ASP A 55 -15.98 -5.47 0.08
CA ASP A 55 -14.58 -5.03 0.07
C ASP A 55 -13.91 -5.79 1.21
N THR A 56 -12.81 -6.46 0.90
CA THR A 56 -12.04 -7.23 1.89
C THR A 56 -10.79 -6.54 2.46
N GLY A 57 -10.61 -5.27 2.10
CA GLY A 57 -9.43 -4.52 2.55
C GLY A 57 -9.24 -4.50 4.07
N GLY A 58 -10.34 -4.39 4.80
CA GLY A 58 -10.25 -4.39 6.25
C GLY A 58 -9.73 -5.69 6.86
N LEU A 59 -9.70 -6.77 6.08
CA LEU A 59 -9.22 -8.05 6.58
C LEU A 59 -7.71 -8.10 6.73
N TRP A 60 -7.01 -7.19 6.06
CA TRP A 60 -5.56 -7.15 6.16
C TRP A 60 -5.14 -6.35 7.39
N SER A 61 -4.09 -6.79 8.08
CA SER A 61 -3.60 -6.05 9.23
C SER A 61 -2.57 -5.07 8.68
N GLY A 62 -1.58 -5.62 7.98
CA GLY A 62 -0.55 -4.81 7.36
C GLY A 62 -0.57 -5.06 5.85
N ASP A 63 0.51 -4.71 5.17
CA ASP A 63 0.57 -4.87 3.72
C ASP A 63 1.21 -6.16 3.21
N LYS A 64 1.40 -7.13 4.09
CA LYS A 64 1.99 -8.39 3.66
C LYS A 64 0.96 -9.50 3.55
N TRP A 65 1.05 -10.32 2.50
CA TRP A 65 0.12 -11.43 2.31
C TRP A 65 0.59 -12.48 3.31
N GLU A 66 -0.32 -12.89 4.18
CA GLU A 66 0.02 -13.87 5.20
C GLU A 66 -1.10 -14.88 5.33
N LYS A 67 -0.78 -16.05 5.87
CA LYS A 67 -1.75 -17.10 6.06
C LYS A 67 -3.00 -16.63 6.78
N LYS A 68 -2.84 -15.77 7.78
CA LYS A 68 -3.96 -15.27 8.55
C LYS A 68 -4.94 -14.51 7.66
N ILE A 69 -4.41 -13.65 6.81
CA ILE A 69 -5.24 -12.85 5.91
C ILE A 69 -5.86 -13.76 4.84
N GLN A 70 -5.06 -14.66 4.26
CA GLN A 70 -5.59 -15.57 3.25
C GLN A 70 -6.81 -16.36 3.76
N GLU A 71 -6.74 -16.80 5.02
CA GLU A 71 -7.85 -17.56 5.58
C GLU A 71 -9.09 -16.68 5.73
N LYS A 72 -8.88 -15.40 6.03
CA LYS A 72 -9.99 -14.46 6.15
C LYS A 72 -10.60 -14.19 4.77
N VAL A 73 -9.73 -14.00 3.78
CA VAL A 73 -10.18 -13.76 2.42
C VAL A 73 -10.92 -14.97 1.86
N ASP A 74 -10.43 -16.17 2.19
CA ASP A 74 -11.07 -17.41 1.73
C ASP A 74 -12.54 -17.43 2.16
N ARG A 75 -12.78 -17.04 3.41
CA ARG A 75 -14.16 -17.05 3.92
C ARG A 75 -14.99 -16.02 3.21
N ALA A 76 -14.40 -14.85 2.99
CA ALA A 76 -15.13 -13.78 2.31
C ALA A 76 -15.50 -14.16 0.89
N LEU A 77 -14.67 -14.99 0.26
CA LEU A 77 -14.91 -15.41 -1.12
C LEU A 77 -15.81 -16.63 -1.25
N GLU A 78 -16.21 -17.19 -0.11
CA GLU A 78 -17.05 -18.39 -0.09
C GLU A 78 -18.10 -18.52 -1.19
N ASP A 79 -19.04 -17.59 -1.26
CA ASP A 79 -20.10 -17.68 -2.27
C ASP A 79 -20.00 -16.60 -3.33
N ALA A 80 -18.78 -16.15 -3.60
CA ALA A 80 -18.53 -15.12 -4.60
C ALA A 80 -18.67 -15.62 -6.04
N GLU A 81 -19.34 -14.83 -6.88
CA GLU A 81 -19.48 -15.20 -8.29
C GLU A 81 -18.35 -14.55 -9.09
N VAL A 82 -17.92 -13.38 -8.64
CA VAL A 82 -16.88 -12.65 -9.34
C VAL A 82 -15.95 -11.93 -8.39
N VAL A 83 -14.67 -11.93 -8.74
CA VAL A 83 -13.68 -11.26 -7.93
C VAL A 83 -13.14 -10.05 -8.71
N LEU A 84 -13.05 -8.93 -8.04
CA LEU A 84 -12.50 -7.71 -8.64
C LEU A 84 -11.14 -7.63 -7.97
N PHE A 85 -10.10 -7.94 -8.74
CA PHE A 85 -8.74 -7.89 -8.25
C PHE A 85 -8.20 -6.49 -8.51
N ALA A 86 -8.11 -5.71 -7.45
CA ALA A 86 -7.63 -4.35 -7.51
C ALA A 86 -6.10 -4.23 -7.38
N VAL A 87 -5.48 -3.64 -8.41
CA VAL A 87 -4.04 -3.39 -8.41
C VAL A 87 -3.80 -1.91 -8.75
N ASP A 88 -2.81 -1.30 -8.12
CA ASP A 88 -2.53 0.11 -8.35
C ASP A 88 -2.17 0.31 -9.82
N GLY A 89 -2.86 1.24 -10.48
CA GLY A 89 -2.59 1.48 -11.88
C GLY A 89 -1.40 2.41 -12.11
N ARG A 90 -0.87 3.01 -11.05
CA ARG A 90 0.27 3.90 -11.21
C ARG A 90 1.54 3.29 -10.61
N ALA A 91 1.45 2.78 -9.38
CA ALA A 91 2.59 2.18 -8.70
C ALA A 91 2.99 0.87 -9.36
N GLU A 92 4.25 0.47 -9.16
CA GLU A 92 4.71 -0.79 -9.74
C GLU A 92 4.09 -1.95 -8.95
N LEU A 93 3.95 -3.08 -9.61
CA LEU A 93 3.41 -4.29 -8.97
C LEU A 93 4.34 -4.68 -7.84
N THR A 94 3.75 -5.13 -6.74
CA THR A 94 4.50 -5.50 -5.55
C THR A 94 4.50 -7.00 -5.31
N GLN A 95 5.38 -7.45 -4.41
CA GLN A 95 5.42 -8.87 -4.09
C GLN A 95 4.00 -9.29 -3.63
N ALA A 96 3.35 -8.44 -2.84
CA ALA A 96 1.99 -8.76 -2.36
C ALA A 96 1.03 -8.94 -3.53
N ASP A 97 1.15 -8.09 -4.55
CA ASP A 97 0.28 -8.20 -5.73
C ASP A 97 0.46 -9.55 -6.40
N TYR A 98 1.71 -9.92 -6.66
CA TYR A 98 2.01 -11.18 -7.30
C TYR A 98 1.53 -12.38 -6.48
N GLU A 99 1.59 -12.26 -5.17
CA GLU A 99 1.13 -13.34 -4.31
C GLU A 99 -0.40 -13.48 -4.28
N VAL A 100 -1.09 -12.34 -4.27
CA VAL A 100 -2.56 -12.35 -4.29
C VAL A 100 -3.01 -12.86 -5.66
N ALA A 101 -2.25 -12.55 -6.70
CA ALA A 101 -2.56 -13.02 -8.06
C ALA A 101 -2.48 -14.54 -8.11
N GLU A 102 -1.42 -15.13 -7.55
CA GLU A 102 -1.28 -16.58 -7.57
C GLU A 102 -2.40 -17.22 -6.75
N TYR A 103 -2.76 -16.59 -5.64
CA TYR A 103 -3.82 -17.11 -4.79
C TYR A 103 -5.16 -17.12 -5.59
N LEU A 104 -5.41 -16.06 -6.34
CA LEU A 104 -6.64 -15.98 -7.13
C LEU A 104 -6.72 -16.97 -8.29
N ARG A 105 -5.58 -17.22 -8.92
CA ARG A 105 -5.53 -18.19 -10.02
C ARG A 105 -5.84 -19.56 -9.42
N ARG A 106 -5.25 -19.85 -8.26
CA ARG A 106 -5.50 -21.13 -7.59
C ARG A 106 -6.96 -21.27 -7.18
N LYS A 107 -7.56 -20.17 -6.68
CA LYS A 107 -8.96 -20.17 -6.25
C LYS A 107 -9.93 -20.52 -7.39
N GLY A 108 -9.56 -20.12 -8.60
CA GLY A 108 -10.36 -20.41 -9.78
C GLY A 108 -11.69 -19.71 -9.95
N LYS A 109 -11.88 -18.58 -9.29
CA LYS A 109 -13.12 -17.83 -9.44
C LYS A 109 -12.93 -16.80 -10.54
N PRO A 110 -14.01 -16.48 -11.30
CA PRO A 110 -13.87 -15.47 -12.36
C PRO A 110 -13.21 -14.22 -11.76
N VAL A 111 -12.20 -13.68 -12.43
CA VAL A 111 -11.52 -12.50 -11.94
C VAL A 111 -11.50 -11.36 -12.96
N ILE A 112 -11.88 -10.18 -12.51
CA ILE A 112 -11.81 -9.01 -13.37
C ILE A 112 -10.66 -8.20 -12.77
N LEU A 113 -9.62 -7.97 -13.56
CA LEU A 113 -8.48 -7.21 -13.10
C LEU A 113 -8.80 -5.72 -13.23
N VAL A 114 -8.78 -5.01 -12.11
CA VAL A 114 -9.08 -3.60 -12.10
C VAL A 114 -7.86 -2.77 -11.78
N ALA A 115 -7.50 -1.85 -12.67
CA ALA A 115 -6.35 -0.97 -12.43
C ALA A 115 -6.95 0.28 -11.84
N THR A 116 -6.46 0.66 -10.67
CA THR A 116 -6.97 1.80 -9.96
C THR A 116 -6.12 3.04 -10.10
N LYS A 117 -6.72 4.18 -9.76
CA LYS A 117 -6.06 5.48 -9.79
C LYS A 117 -5.59 5.86 -11.20
N VAL A 118 -6.23 5.33 -12.23
CA VAL A 118 -5.83 5.70 -13.60
C VAL A 118 -6.61 7.01 -13.82
N ASP A 119 -6.11 8.09 -13.22
CA ASP A 119 -6.78 9.38 -13.27
C ASP A 119 -6.83 10.07 -14.63
N ASP A 120 -5.87 9.78 -15.48
CA ASP A 120 -5.82 10.38 -16.82
C ASP A 120 -5.52 9.28 -17.84
N PRO A 121 -6.03 9.42 -19.08
CA PRO A 121 -5.78 8.42 -20.11
C PRO A 121 -4.30 8.08 -20.29
N LYS A 122 -3.43 9.04 -20.05
CA LYS A 122 -2.00 8.82 -20.24
C LYS A 122 -1.44 7.68 -19.39
N HIS A 123 -2.01 7.48 -18.20
CA HIS A 123 -1.55 6.44 -17.31
C HIS A 123 -1.83 5.05 -17.88
N GLU A 124 -2.79 4.96 -18.79
CA GLU A 124 -3.15 3.69 -19.38
C GLU A 124 -2.00 3.10 -20.20
N LEU A 125 -1.13 3.96 -20.70
CA LEU A 125 -0.01 3.49 -21.51
C LEU A 125 0.98 2.67 -20.69
N TYR A 126 0.92 2.81 -19.36
CA TYR A 126 1.85 2.13 -18.47
C TYR A 126 1.30 0.95 -17.67
N LEU A 127 0.25 0.32 -18.17
CA LEU A 127 -0.34 -0.82 -17.46
C LEU A 127 0.18 -2.18 -17.93
N GLY A 128 1.17 -2.16 -18.83
CA GLY A 128 1.74 -3.39 -19.38
C GLY A 128 2.00 -4.54 -18.42
N PRO A 129 2.70 -4.32 -17.30
CA PRO A 129 2.99 -5.39 -16.34
C PRO A 129 1.72 -6.10 -15.87
N LEU A 130 0.60 -5.40 -15.88
CA LEU A 130 -0.68 -5.99 -15.44
C LEU A 130 -1.22 -7.11 -16.32
N TYR A 131 -1.02 -7.00 -17.63
CA TYR A 131 -1.50 -8.00 -18.60
C TYR A 131 -0.93 -9.40 -18.35
N GLY A 132 0.21 -9.48 -17.67
CA GLY A 132 0.81 -10.78 -17.43
C GLY A 132 0.37 -11.51 -16.19
N LEU A 133 -0.46 -10.86 -15.36
CA LEU A 133 -0.93 -11.47 -14.11
C LEU A 133 -1.81 -12.69 -14.38
N GLY A 134 -2.16 -12.88 -15.64
CA GLY A 134 -2.99 -14.01 -16.03
C GLY A 134 -4.48 -13.81 -15.95
N PHE A 135 -4.94 -12.56 -16.03
CA PHE A 135 -6.38 -12.29 -15.92
C PHE A 135 -7.00 -11.54 -17.10
N GLY A 136 -6.24 -11.36 -18.17
CA GLY A 136 -6.78 -10.63 -19.31
C GLY A 136 -6.48 -9.16 -19.18
N ASP A 137 -6.96 -8.35 -20.13
CA ASP A 137 -6.72 -6.92 -20.09
C ASP A 137 -7.32 -6.32 -18.82
N PRO A 138 -6.59 -5.43 -18.15
CA PRO A 138 -7.07 -4.79 -16.93
C PRO A 138 -8.07 -3.69 -17.33
N ILE A 139 -9.08 -3.46 -16.50
CA ILE A 139 -10.03 -2.39 -16.79
C ILE A 139 -9.56 -1.19 -15.99
N PRO A 140 -9.17 -0.10 -16.67
CA PRO A 140 -8.71 1.07 -15.94
C PRO A 140 -9.82 1.84 -15.27
N THR A 141 -9.61 2.21 -14.02
CA THR A 141 -10.59 2.99 -13.30
C THR A 141 -9.92 4.09 -12.50
N SER A 142 -10.73 5.01 -12.04
CA SER A 142 -10.29 6.12 -11.20
C SER A 142 -11.48 6.47 -10.33
N SER A 143 -11.34 6.37 -9.01
CA SER A 143 -12.44 6.74 -8.13
C SER A 143 -12.41 8.25 -7.94
N GLU A 144 -11.23 8.83 -8.05
CA GLU A 144 -11.06 10.28 -7.92
C GLU A 144 -11.80 11.00 -9.06
N HIS A 145 -11.67 10.49 -10.28
CA HIS A 145 -12.32 11.11 -11.44
C HIS A 145 -13.53 10.35 -11.98
N ALA A 146 -13.95 9.32 -11.26
CA ALA A 146 -15.07 8.47 -11.64
C ALA A 146 -14.94 7.95 -13.08
N ARG A 147 -13.78 7.38 -13.39
CA ARG A 147 -13.54 6.85 -14.75
C ARG A 147 -13.63 5.32 -14.76
N GLY A 148 -14.12 4.77 -15.87
CA GLY A 148 -14.21 3.34 -16.08
C GLY A 148 -15.26 2.53 -15.32
N LEU A 149 -16.10 3.20 -14.56
CA LEU A 149 -17.14 2.53 -13.77
C LEU A 149 -18.18 1.86 -14.64
N GLU A 150 -18.52 2.49 -15.78
CA GLU A 150 -19.48 1.88 -16.69
C GLU A 150 -18.89 0.59 -17.26
N GLU A 151 -17.65 0.65 -17.72
CA GLU A 151 -16.98 -0.53 -18.29
C GLU A 151 -16.87 -1.63 -17.23
N LEU A 152 -16.60 -1.25 -16.00
CA LEU A 152 -16.48 -2.26 -14.94
C LEU A 152 -17.83 -2.94 -14.66
N LEU A 153 -18.92 -2.19 -14.65
CA LEU A 153 -20.23 -2.78 -14.39
C LEU A 153 -20.63 -3.73 -15.52
N GLU A 154 -20.27 -3.36 -16.74
CA GLU A 154 -20.58 -4.19 -17.89
C GLU A 154 -19.83 -5.51 -17.78
N ALA A 155 -18.55 -5.45 -17.41
CA ALA A 155 -17.75 -6.67 -17.26
C ALA A 155 -18.31 -7.57 -16.15
N ILE A 156 -18.70 -6.95 -15.04
CA ILE A 156 -19.25 -7.70 -13.92
C ILE A 156 -20.49 -8.48 -14.38
N TRP A 157 -21.41 -7.77 -15.04
CA TRP A 157 -22.64 -8.42 -15.49
C TRP A 157 -22.46 -9.46 -16.58
N GLU A 158 -21.39 -9.42 -17.36
CA GLU A 158 -21.17 -10.43 -18.40
C GLU A 158 -20.78 -11.74 -17.73
N ARG A 159 -20.35 -11.68 -16.47
CA ARG A 159 -19.95 -12.90 -15.77
C ARG A 159 -20.93 -13.41 -14.74
N LEU A 160 -21.94 -12.62 -14.40
CA LEU A 160 -22.94 -13.07 -13.43
C LEU A 160 -23.97 -13.95 -14.15
N PRO A 161 -23.97 -15.26 -13.86
CA PRO A 161 -24.91 -16.18 -14.51
C PRO A 161 -26.39 -15.79 -14.43
N MET B 1 19.77 -3.19 -8.01
CA MET B 1 19.41 -3.65 -6.63
C MET B 1 18.12 -3.01 -6.14
N HIS B 2 17.55 -3.58 -5.08
CA HIS B 2 16.33 -3.08 -4.48
C HIS B 2 16.55 -1.68 -3.93
N LYS B 3 15.50 -0.87 -3.94
CA LYS B 3 15.61 0.49 -3.45
C LYS B 3 14.59 0.72 -2.34
N VAL B 4 15.09 1.20 -1.20
CA VAL B 4 14.29 1.49 0.00
C VAL B 4 14.46 2.95 0.34
N VAL B 5 13.35 3.65 0.54
CA VAL B 5 13.43 5.08 0.81
C VAL B 5 12.78 5.49 2.12
N ILE B 6 13.50 6.31 2.88
CA ILE B 6 12.97 6.79 4.15
C ILE B 6 12.26 8.11 3.87
N VAL B 7 11.06 8.25 4.41
CA VAL B 7 10.26 9.44 4.25
C VAL B 7 9.67 9.84 5.61
N GLY B 8 9.62 11.15 5.86
CA GLY B 8 9.07 11.66 7.10
C GLY B 8 9.51 13.09 7.31
N ARG B 9 8.85 13.77 8.23
CA ARG B 9 9.16 15.17 8.50
C ARG B 9 10.52 15.37 9.18
N PRO B 10 11.03 16.61 9.18
CA PRO B 10 12.32 16.90 9.80
C PRO B 10 12.39 16.55 11.30
N ASN B 11 13.59 16.20 11.75
CA ASN B 11 13.89 15.89 13.14
C ASN B 11 13.21 14.67 13.78
N VAL B 12 12.75 13.73 12.96
CA VAL B 12 12.10 12.54 13.49
C VAL B 12 13.15 11.45 13.69
N GLY B 13 14.37 11.67 13.18
CA GLY B 13 15.44 10.69 13.35
C GLY B 13 15.79 9.88 12.11
N LYS B 14 15.46 10.41 10.94
CA LYS B 14 15.75 9.71 9.70
C LYS B 14 17.24 9.51 9.40
N SER B 15 18.03 10.57 9.54
CA SER B 15 19.45 10.45 9.24
C SER B 15 20.14 9.52 10.23
N SER B 16 19.71 9.56 11.50
CA SER B 16 20.28 8.70 12.53
C SER B 16 19.96 7.25 12.23
N LEU B 17 18.73 6.98 11.84
CA LEU B 17 18.32 5.63 11.47
C LEU B 17 19.06 5.17 10.21
N PHE B 18 19.24 6.08 9.25
CA PHE B 18 19.96 5.77 8.00
C PHE B 18 21.41 5.32 8.32
N ASN B 19 22.08 6.06 9.19
CA ASN B 19 23.45 5.73 9.57
C ASN B 19 23.55 4.37 10.27
N ARG B 20 22.57 4.04 11.12
CA ARG B 20 22.57 2.75 11.81
C ARG B 20 22.42 1.61 10.81
N LEU B 21 21.50 1.76 9.87
CA LEU B 21 21.25 0.70 8.89
C LEU B 21 22.42 0.48 7.95
N LEU B 22 23.08 1.57 7.57
CA LEU B 22 24.23 1.51 6.68
C LEU B 22 25.39 0.80 7.40
N LYS B 23 25.45 0.97 8.72
CA LYS B 23 26.49 0.35 9.56
C LYS B 23 26.17 -1.10 9.86
N LYS B 24 24.92 -1.48 9.69
CA LYS B 24 24.47 -2.84 9.94
C LYS B 24 25.31 -3.92 9.26
N ARG B 25 25.52 -4.99 10.01
CA ARG B 25 26.25 -6.16 9.54
C ARG B 25 25.27 -7.28 9.81
N SER B 26 25.61 -8.50 9.44
CA SER B 26 24.71 -9.61 9.71
C SER B 26 25.37 -10.64 10.62
N ASP B 38 21.08 16.88 -1.67
CA ASP B 38 20.57 16.76 -0.31
C ASP B 38 19.88 15.41 -0.06
N LEU B 39 20.16 14.45 -0.93
CA LEU B 39 19.62 13.09 -0.81
C LEU B 39 20.75 12.26 -0.22
N LYS B 40 20.46 11.36 0.72
CA LYS B 40 21.50 10.50 1.28
C LYS B 40 21.27 9.08 0.76
N GLU B 41 22.31 8.51 0.15
CA GLU B 41 22.19 7.18 -0.41
C GLU B 41 23.28 6.25 0.13
N GLY B 42 22.91 5.02 0.44
CA GLY B 42 23.87 4.10 0.99
C GLY B 42 23.44 2.68 0.75
N VAL B 43 24.40 1.79 0.58
CA VAL B 43 24.11 0.39 0.34
C VAL B 43 24.14 -0.40 1.64
N VAL B 44 22.99 -0.95 2.02
CA VAL B 44 22.89 -1.75 3.23
C VAL B 44 23.14 -3.18 2.80
N GLU B 45 23.98 -3.89 3.54
CA GLU B 45 24.29 -5.26 3.20
C GLU B 45 24.42 -6.14 4.44
N THR B 46 23.67 -7.24 4.47
CA THR B 46 23.72 -8.17 5.59
C THR B 46 23.53 -9.54 5.00
N ASP B 47 23.46 -10.59 5.81
CA ASP B 47 23.30 -11.91 5.22
C ASP B 47 21.99 -12.08 4.44
N ARG B 48 21.04 -11.16 4.64
CA ARG B 48 19.78 -11.24 3.91
C ARG B 48 19.95 -10.71 2.47
N GLY B 49 21.03 -9.97 2.23
CA GLY B 49 21.26 -9.44 0.89
C GLY B 49 21.63 -7.97 0.90
N ARG B 50 21.53 -7.30 -0.24
CA ARG B 50 21.87 -5.88 -0.28
C ARG B 50 20.74 -5.04 -0.88
N PHE B 51 20.64 -3.79 -0.47
CA PHE B 51 19.66 -2.90 -1.07
C PHE B 51 20.15 -1.46 -0.92
N LEU B 52 19.66 -0.57 -1.77
CA LEU B 52 20.04 0.83 -1.71
C LEU B 52 19.07 1.55 -0.80
N LEU B 53 19.61 2.19 0.23
CA LEU B 53 18.80 2.91 1.20
C LEU B 53 18.91 4.41 0.91
N VAL B 54 17.77 5.08 0.83
CA VAL B 54 17.76 6.50 0.53
C VAL B 54 17.05 7.30 1.62
N ASP B 55 17.67 8.39 2.08
CA ASP B 55 17.04 9.25 3.07
C ASP B 55 16.64 10.54 2.35
N THR B 56 15.35 10.87 2.39
CA THR B 56 14.82 12.07 1.73
C THR B 56 14.72 13.33 2.64
N GLY B 57 15.16 13.24 3.88
CA GLY B 57 15.08 14.37 4.78
C GLY B 57 15.65 15.69 4.28
N GLY B 58 16.77 15.63 3.56
CA GLY B 58 17.38 16.83 3.03
C GLY B 58 16.54 17.55 1.99
N LEU B 59 15.53 16.88 1.43
CA LEU B 59 14.64 17.47 0.43
C LEU B 59 13.67 18.48 1.02
N TRP B 60 13.52 18.48 2.34
CA TRP B 60 12.62 19.43 2.98
C TRP B 60 13.38 20.72 3.28
N SER B 61 12.70 21.85 3.12
CA SER B 61 13.30 23.16 3.40
C SER B 61 13.03 23.42 4.88
N GLY B 62 11.75 23.36 5.24
CA GLY B 62 11.31 23.55 6.61
C GLY B 62 10.45 22.35 7.03
N ASP B 63 9.63 22.52 8.07
CA ASP B 63 8.81 21.41 8.55
C ASP B 63 7.40 21.32 7.97
N LYS B 64 7.09 22.13 6.98
CA LYS B 64 5.76 22.07 6.38
C LYS B 64 5.74 21.25 5.09
N TRP B 65 4.73 20.39 4.94
CA TRP B 65 4.60 19.57 3.73
C TRP B 65 3.95 20.46 2.69
N GLU B 66 4.62 20.65 1.56
CA GLU B 66 4.07 21.48 0.50
C GLU B 66 4.42 20.90 -0.85
N LYS B 67 3.75 21.36 -1.89
CA LYS B 67 3.96 20.85 -3.25
C LYS B 67 5.41 20.75 -3.69
N LYS B 68 6.22 21.74 -3.37
CA LYS B 68 7.62 21.74 -3.77
C LYS B 68 8.36 20.53 -3.18
N ILE B 69 8.12 20.25 -1.91
CA ILE B 69 8.77 19.11 -1.27
C ILE B 69 8.16 17.82 -1.83
N GLN B 70 6.84 17.79 -1.95
CA GLN B 70 6.18 16.59 -2.48
C GLN B 70 6.69 16.20 -3.87
N GLU B 71 6.98 17.19 -4.70
CA GLU B 71 7.47 16.92 -6.04
C GLU B 71 8.87 16.34 -6.00
N LYS B 72 9.68 16.73 -5.02
CA LYS B 72 11.02 16.18 -4.92
C LYS B 72 10.96 14.77 -4.36
N VAL B 73 10.06 14.55 -3.40
CA VAL B 73 9.91 13.23 -2.81
C VAL B 73 9.38 12.26 -3.87
N ASP B 74 8.47 12.75 -4.71
CA ASP B 74 7.90 11.93 -5.78
C ASP B 74 9.03 11.38 -6.66
N ARG B 75 10.00 12.22 -6.99
CA ARG B 75 11.09 11.77 -7.85
C ARG B 75 12.01 10.83 -7.09
N ALA B 76 12.23 11.11 -5.81
CA ALA B 76 13.09 10.23 -5.03
C ALA B 76 12.44 8.83 -4.90
N LEU B 77 11.13 8.77 -5.00
CA LEU B 77 10.41 7.51 -4.87
C LEU B 77 10.18 6.75 -6.19
N GLU B 78 10.59 7.35 -7.31
CA GLU B 78 10.40 6.74 -8.63
C GLU B 78 10.34 5.22 -8.66
N ASP B 79 11.48 4.56 -8.46
CA ASP B 79 11.50 3.11 -8.50
C ASP B 79 11.77 2.46 -7.13
N ALA B 80 11.22 3.06 -6.08
CA ALA B 80 11.37 2.54 -4.73
C ALA B 80 10.52 1.27 -4.61
N GLU B 81 11.04 0.24 -3.96
CA GLU B 81 10.29 -1.00 -3.76
C GLU B 81 9.54 -0.92 -2.43
N VAL B 82 10.13 -0.19 -1.49
CA VAL B 82 9.57 -0.08 -0.14
C VAL B 82 9.86 1.29 0.44
N VAL B 83 8.91 1.79 1.22
CA VAL B 83 9.04 3.07 1.87
C VAL B 83 9.06 2.85 3.39
N LEU B 84 9.99 3.50 4.06
CA LEU B 84 10.07 3.45 5.53
C LEU B 84 9.53 4.81 5.93
N PHE B 85 8.32 4.82 6.44
CA PHE B 85 7.67 6.03 6.87
C PHE B 85 8.06 6.26 8.32
N ALA B 86 8.94 7.23 8.54
CA ALA B 86 9.41 7.54 9.87
C ALA B 86 8.57 8.60 10.60
N VAL B 87 8.05 8.21 11.76
CA VAL B 87 7.29 9.10 12.62
C VAL B 87 7.87 9.02 14.04
N ASP B 88 7.95 10.16 14.73
CA ASP B 88 8.51 10.23 16.06
C ASP B 88 7.73 9.31 16.99
N GLY B 89 8.46 8.44 17.70
CA GLY B 89 7.81 7.50 18.59
C GLY B 89 7.48 8.10 19.96
N ARG B 90 7.98 9.31 20.23
CA ARG B 90 7.73 9.96 21.50
C ARG B 90 6.80 11.17 21.38
N ALA B 91 7.10 12.06 20.44
CA ALA B 91 6.28 13.25 20.21
C ALA B 91 4.91 12.85 19.65
N GLU B 92 3.92 13.73 19.78
CA GLU B 92 2.58 13.45 19.26
C GLU B 92 2.62 13.63 17.74
N LEU B 93 1.74 12.93 17.01
CA LEU B 93 1.70 13.08 15.55
C LEU B 93 1.38 14.53 15.22
N THR B 94 1.92 15.00 14.09
CA THR B 94 1.73 16.36 13.66
C THR B 94 0.93 16.48 12.37
N GLN B 95 0.54 17.71 12.04
CA GLN B 95 -0.17 17.96 10.80
C GLN B 95 0.67 17.38 9.64
N ALA B 96 1.98 17.65 9.64
CA ALA B 96 2.86 17.14 8.60
C ALA B 96 2.85 15.62 8.54
N ASP B 97 2.79 14.96 9.70
CA ASP B 97 2.76 13.51 9.71
C ASP B 97 1.50 13.01 9.02
N TYR B 98 0.37 13.63 9.33
CA TYR B 98 -0.89 13.20 8.72
C TYR B 98 -0.93 13.47 7.21
N GLU B 99 -0.36 14.56 6.77
CA GLU B 99 -0.33 14.87 5.35
C GLU B 99 0.60 13.92 4.59
N VAL B 100 1.73 13.59 5.19
CA VAL B 100 2.67 12.67 4.56
C VAL B 100 2.05 11.28 4.52
N ALA B 101 1.29 10.92 5.55
CA ALA B 101 0.62 9.61 5.56
C ALA B 101 -0.41 9.52 4.41
N GLU B 102 -1.15 10.60 4.18
CA GLU B 102 -2.15 10.60 3.11
C GLU B 102 -1.47 10.50 1.75
N TYR B 103 -0.38 11.22 1.61
CA TYR B 103 0.41 11.22 0.38
C TYR B 103 0.90 9.80 0.08
N LEU B 104 1.40 9.11 1.11
CA LEU B 104 1.90 7.74 0.95
C LEU B 104 0.80 6.72 0.63
N ARG B 105 -0.38 6.88 1.23
CA ARG B 105 -1.48 5.96 0.93
C ARG B 105 -1.81 6.16 -0.57
N ARG B 106 -1.86 7.42 -0.99
CA ARG B 106 -2.16 7.76 -2.39
C ARG B 106 -1.08 7.18 -3.33
N LYS B 107 0.19 7.30 -2.95
CA LYS B 107 1.29 6.78 -3.75
C LYS B 107 1.15 5.28 -4.00
N GLY B 108 0.60 4.57 -3.02
CA GLY B 108 0.38 3.14 -3.14
C GLY B 108 1.56 2.19 -3.07
N LYS B 109 2.72 2.68 -2.65
CA LYS B 109 3.91 1.84 -2.53
C LYS B 109 3.89 1.10 -1.18
N PRO B 110 4.50 -0.09 -1.08
CA PRO B 110 4.49 -0.77 0.22
C PRO B 110 5.10 0.19 1.24
N VAL B 111 4.50 0.29 2.42
CA VAL B 111 5.01 1.19 3.44
C VAL B 111 5.24 0.46 4.77
N ILE B 112 6.40 0.67 5.36
CA ILE B 112 6.68 0.11 6.68
C ILE B 112 6.69 1.32 7.62
N LEU B 113 5.78 1.34 8.58
CA LEU B 113 5.72 2.43 9.55
C LEU B 113 6.78 2.18 10.63
N VAL B 114 7.73 3.10 10.74
CA VAL B 114 8.80 2.99 11.70
C VAL B 114 8.63 4.04 12.79
N ALA B 115 8.49 3.62 14.05
CA ALA B 115 8.39 4.63 15.13
C ALA B 115 9.83 4.84 15.60
N THR B 116 10.23 6.10 15.69
CA THR B 116 11.60 6.41 16.08
C THR B 116 11.73 6.91 17.52
N LYS B 117 12.98 6.91 17.98
CA LYS B 117 13.36 7.33 19.32
C LYS B 117 12.66 6.52 20.42
N VAL B 118 12.30 5.27 20.13
CA VAL B 118 11.68 4.41 21.16
C VAL B 118 12.88 3.84 21.92
N ASP B 119 13.50 4.69 22.74
CA ASP B 119 14.70 4.30 23.49
C ASP B 119 14.51 3.24 24.56
N ASP B 120 13.30 3.16 25.11
CA ASP B 120 12.99 2.18 26.14
C ASP B 120 11.66 1.50 25.81
N PRO B 121 11.53 0.23 26.19
CA PRO B 121 10.30 -0.55 25.93
C PRO B 121 9.02 0.17 26.42
N LYS B 122 9.14 0.95 27.48
CA LYS B 122 7.97 1.63 28.02
C LYS B 122 7.34 2.62 27.03
N HIS B 123 8.16 3.22 26.16
CA HIS B 123 7.63 4.15 25.20
C HIS B 123 6.70 3.44 24.21
N GLU B 124 6.89 2.13 24.05
CA GLU B 124 6.07 1.38 23.11
C GLU B 124 4.61 1.36 23.50
N LEU B 125 4.35 1.52 24.79
CA LEU B 125 2.96 1.51 25.27
C LEU B 125 2.17 2.74 24.78
N TYR B 126 2.89 3.76 24.32
CA TYR B 126 2.26 4.99 23.85
C TYR B 126 2.27 5.23 22.34
N LEU B 127 2.27 4.17 21.55
CA LEU B 127 2.29 4.33 20.11
C LEU B 127 0.92 4.22 19.44
N GLY B 128 -0.13 4.06 20.25
CA GLY B 128 -1.49 3.92 19.73
C GLY B 128 -1.91 4.76 18.54
N PRO B 129 -1.70 6.09 18.57
CA PRO B 129 -2.09 6.94 17.44
C PRO B 129 -1.49 6.48 16.10
N LEU B 130 -0.35 5.81 16.15
CA LEU B 130 0.30 5.33 14.92
C LEU B 130 -0.46 4.24 14.17
N TYR B 131 -1.12 3.36 14.92
CA TYR B 131 -1.86 2.25 14.31
C TYR B 131 -3.01 2.77 13.44
N GLY B 132 -3.35 4.05 13.59
CA GLY B 132 -4.43 4.61 12.81
C GLY B 132 -4.02 5.25 11.49
N LEU B 133 -2.72 5.34 11.24
CA LEU B 133 -2.23 5.94 10.01
C LEU B 133 -2.57 5.09 8.80
N GLY B 134 -2.93 3.83 9.03
CA GLY B 134 -3.30 2.95 7.94
C GLY B 134 -2.18 2.13 7.32
N PHE B 135 -1.12 1.92 8.09
CA PHE B 135 0.02 1.15 7.57
C PHE B 135 0.32 -0.07 8.43
N GLY B 136 -0.59 -0.45 9.30
CA GLY B 136 -0.36 -1.60 10.16
C GLY B 136 0.43 -1.24 11.41
N ASP B 137 0.87 -2.27 12.14
CA ASP B 137 1.63 -2.06 13.36
C ASP B 137 2.96 -1.34 13.07
N PRO B 138 3.29 -0.34 13.86
CA PRO B 138 4.56 0.37 13.65
C PRO B 138 5.67 -0.50 14.22
N ILE B 139 6.86 -0.37 13.66
CA ILE B 139 8.02 -1.12 14.16
C ILE B 139 8.80 -0.14 15.01
N PRO B 140 8.88 -0.40 16.33
CA PRO B 140 9.60 0.50 17.22
C PRO B 140 11.11 0.42 17.04
N THR B 141 11.76 1.56 16.85
CA THR B 141 13.21 1.56 16.71
C THR B 141 13.80 2.69 17.54
N SER B 142 15.11 2.59 17.75
CA SER B 142 15.87 3.58 18.47
C SER B 142 17.25 3.58 17.88
N SER B 143 17.66 4.69 17.28
CA SER B 143 19.02 4.78 16.72
C SER B 143 20.02 5.03 17.85
N GLU B 144 19.55 5.71 18.89
CA GLU B 144 20.40 6.01 20.04
C GLU B 144 20.78 4.69 20.76
N HIS B 145 19.82 3.79 20.92
CA HIS B 145 20.09 2.53 21.60
C HIS B 145 20.16 1.32 20.68
N ALA B 146 20.16 1.55 19.37
CA ALA B 146 20.22 0.47 18.39
C ALA B 146 19.15 -0.60 18.66
N ARG B 147 17.89 -0.17 18.78
CA ARG B 147 16.79 -1.11 19.03
C ARG B 147 15.90 -1.26 17.80
N GLY B 148 15.39 -2.47 17.61
CA GLY B 148 14.48 -2.75 16.50
C GLY B 148 15.08 -2.80 15.09
N LEU B 149 16.40 -2.73 14.98
CA LEU B 149 17.01 -2.76 13.65
C LEU B 149 16.89 -4.13 12.99
N GLU B 150 16.93 -5.22 13.76
CA GLU B 150 16.75 -6.54 13.16
C GLU B 150 15.31 -6.71 12.69
N GLU B 151 14.35 -6.30 13.52
CA GLU B 151 12.94 -6.40 13.16
C GLU B 151 12.69 -5.60 11.87
N LEU B 152 13.32 -4.44 11.76
CA LEU B 152 13.14 -3.60 10.59
C LEU B 152 13.69 -4.26 9.32
N LEU B 153 14.91 -4.81 9.39
CA LEU B 153 15.50 -5.47 8.21
C LEU B 153 14.68 -6.68 7.77
N GLU B 154 14.13 -7.39 8.75
CA GLU B 154 13.31 -8.57 8.44
C GLU B 154 12.08 -8.13 7.68
N ALA B 155 11.45 -7.05 8.13
CA ALA B 155 10.25 -6.49 7.49
C ALA B 155 10.54 -5.99 6.08
N ILE B 156 11.68 -5.32 5.92
CA ILE B 156 12.08 -4.79 4.61
C ILE B 156 12.21 -5.93 3.61
N TRP B 157 12.95 -6.97 4.01
CA TRP B 157 13.15 -8.09 3.13
C TRP B 157 11.91 -8.93 2.83
N GLU B 158 10.93 -8.94 3.74
CA GLU B 158 9.69 -9.68 3.50
C GLU B 158 8.88 -9.02 2.37
N ARG B 159 9.19 -7.77 2.06
CA ARG B 159 8.48 -7.03 1.03
C ARG B 159 9.33 -6.81 -0.22
N LEU B 160 10.60 -7.16 -0.15
CA LEU B 160 11.46 -7.00 -1.32
C LEU B 160 11.32 -8.21 -2.23
N PRO B 161 10.83 -8.00 -3.46
CA PRO B 161 10.68 -9.12 -4.39
C PRO B 161 12.05 -9.51 -4.93
#